data_8FCS
#
_entry.id   8FCS
#
_entity_poly.entity_id   1
_entity_poly.type   'polyribonucleotide'
_entity_poly.pdbx_seq_one_letter_code
;GGAGAGGAGGCAAGAUGCUGGCAUAGCUGUUGAACUGGGAACCUGCUAUGCCAACAUAUUGCCAUCUUUCC
;
_entity_poly.pdbx_strand_id   A
#